data_4MUK
#
_entry.id   4MUK
#
_cell.length_a   48.620
_cell.length_b   70.910
_cell.length_c   81.810
_cell.angle_alpha   90.00
_cell.angle_beta   99.51
_cell.angle_gamma   90.00
#
_symmetry.space_group_name_H-M   'P 1 21 1'
#
loop_
_entity.id
_entity.type
_entity.pdbx_description
1 polymer 'Pantothenate synthetase'
2 non-polymer '[5-methoxy-2-({[4-(trifluoromethyl)benzyl]sulfonyl}carbamoyl)-1H-indol-1-yl]acetic acid'
3 non-polymer ETHANOL
4 non-polymer 1,2-ETHANEDIOL
5 water water
#
_entity_poly.entity_id   1
_entity_poly.type   'polypeptide(L)'
_entity_poly.pdbx_seq_one_letter_code
;MAIPAFHPGELNVYSAPGDVADVSRALRLTGRRVMLVPTMGALHEGHLALVRAAKRVPGSVVVVSIFVNPMQFGAGGDLD
AYPRTPDDDLAQLRAEGVEIAFTPTTAAMYPDGLRTTVQPGPLAAELEGGPRPTHFAGVLTVVLKLLQIVRPDRVFFGEK
DYQQLVLIRQLVADFNLDVAVVGVPTVREADGLAMSSRNRYLDPAQRAAAVALSAALTAAAHAATAGAQAALDAARAVLD
AAPGVAVDYLELRDIGLGPMPLNGSGRLLVAARLGTTRLLDNIAIEIGTFAGTDRPDGYR
;
_entity_poly.pdbx_strand_id   A,B
#
# COMPACT_ATOMS: atom_id res chain seq x y z
N ILE A 3 22.03 14.05 4.05
CA ILE A 3 21.05 14.35 2.96
C ILE A 3 21.76 15.09 1.81
N PRO A 4 21.12 15.14 0.61
CA PRO A 4 21.72 15.95 -0.45
C PRO A 4 21.47 17.43 -0.17
N ALA A 5 22.07 18.32 -0.96
CA ALA A 5 21.79 19.74 -0.86
C ALA A 5 20.33 20.15 -1.16
N PHE A 6 19.80 21.04 -0.34
CA PHE A 6 18.59 21.76 -0.65
C PHE A 6 18.84 23.27 -0.58
N HIS A 7 18.78 23.92 -1.72
CA HIS A 7 18.78 25.39 -1.80
C HIS A 7 17.38 26.02 -1.74
N PRO A 8 17.01 26.64 -0.59
CA PRO A 8 15.66 27.16 -0.47
C PRO A 8 15.42 28.30 -1.42
N GLY A 9 14.18 28.45 -1.86
CA GLY A 9 13.88 29.45 -2.85
C GLY A 9 14.55 29.27 -4.19
N GLU A 10 15.12 28.08 -4.47
CA GLU A 10 15.50 27.67 -5.82
C GLU A 10 14.89 26.28 -6.19
N LEU A 11 14.97 25.90 -7.46
CA LEU A 11 14.43 24.62 -7.92
C LEU A 11 15.50 23.57 -7.71
N ASN A 12 15.24 22.61 -6.84
CA ASN A 12 16.16 21.51 -6.56
C ASN A 12 15.58 20.25 -7.23
N VAL A 13 16.37 19.61 -8.10
CA VAL A 13 15.89 18.43 -8.86
C VAL A 13 16.50 17.18 -8.25
N TYR A 14 15.66 16.26 -7.81
CA TYR A 14 16.20 14.98 -7.35
C TYR A 14 15.75 13.84 -8.16
N SER A 15 16.68 12.96 -8.49
N SER A 15 16.65 12.96 -8.52
CA SER A 15 16.35 11.74 -9.22
CA SER A 15 16.20 11.75 -9.20
C SER A 15 16.29 10.49 -8.36
C SER A 15 16.15 10.55 -8.27
N ALA A 16 17.04 10.45 -7.27
CA ALA A 16 17.00 9.25 -6.41
C ALA A 16 15.85 9.31 -5.41
N PRO A 17 15.07 8.22 -5.32
CA PRO A 17 14.04 8.31 -4.29
C PRO A 17 14.58 8.66 -2.91
N GLY A 18 15.72 8.06 -2.51
CA GLY A 18 16.22 8.30 -1.13
C GLY A 18 16.51 9.78 -0.90
N ASP A 19 17.01 10.45 -1.92
CA ASP A 19 17.32 11.89 -1.85
C ASP A 19 16.09 12.74 -1.54
N VAL A 20 15.00 12.53 -2.29
CA VAL A 20 13.80 13.35 -2.07
C VAL A 20 13.16 12.99 -0.73
N ALA A 21 13.26 11.73 -0.33
CA ALA A 21 12.67 11.26 0.91
C ALA A 21 13.36 11.94 2.13
N ASP A 22 14.69 12.02 2.07
CA ASP A 22 15.52 12.58 3.13
C ASP A 22 15.26 14.09 3.25
N VAL A 23 15.33 14.78 2.10
CA VAL A 23 15.02 16.18 1.99
C VAL A 23 13.64 16.45 2.49
N SER A 24 12.66 15.68 2.03
CA SER A 24 11.31 15.86 2.47
C SER A 24 11.16 15.73 3.99
N ARG A 25 11.75 14.67 4.56
CA ARG A 25 11.70 14.40 5.99
C ARG A 25 12.39 15.54 6.75
N ALA A 26 13.53 15.99 6.27
CA ALA A 26 14.24 17.10 6.95
C ALA A 26 13.40 18.38 6.98
N LEU A 27 12.74 18.70 5.86
CA LEU A 27 11.86 19.87 5.78
C LEU A 27 10.66 19.76 6.70
N ARG A 28 10.06 18.57 6.81
CA ARG A 28 8.88 18.44 7.65
C ARG A 28 9.23 18.59 9.16
N LEU A 29 10.38 18.07 9.54
CA LEU A 29 10.85 18.15 10.92
C LEU A 29 11.10 19.58 11.30
N THR A 30 11.63 20.39 10.36
CA THR A 30 11.80 21.81 10.63
C THR A 30 10.54 22.63 10.46
N GLY A 31 9.38 21.99 10.34
CA GLY A 31 8.10 22.74 10.29
C GLY A 31 7.40 23.04 8.97
N ARG A 32 8.09 22.94 7.83
CA ARG A 32 7.42 23.12 6.54
C ARG A 32 6.35 22.04 6.27
N ARG A 33 5.25 22.43 5.69
CA ARG A 33 4.30 21.43 5.28
C ARG A 33 4.61 21.00 3.83
N VAL A 34 4.66 19.71 3.57
CA VAL A 34 5.12 19.25 2.25
C VAL A 34 3.93 18.99 1.30
N MET A 35 3.92 19.69 0.18
CA MET A 35 2.81 19.53 -0.77
C MET A 35 3.32 18.75 -1.96
N LEU A 36 2.55 17.74 -2.35
CA LEU A 36 2.95 16.94 -3.51
C LEU A 36 1.99 17.17 -4.69
N VAL A 37 2.55 17.51 -5.87
CA VAL A 37 1.83 17.54 -7.11
C VAL A 37 2.34 16.52 -8.14
N PRO A 38 1.65 15.36 -8.28
CA PRO A 38 2.13 14.32 -9.20
C PRO A 38 1.81 14.72 -10.61
N THR A 39 2.85 14.64 -11.47
CA THR A 39 2.61 14.82 -12.91
C THR A 39 3.21 13.69 -13.76
N MET A 40 2.78 13.63 -15.03
CA MET A 40 3.47 12.81 -16.06
C MET A 40 4.17 13.71 -17.06
N GLY A 41 4.60 14.88 -16.57
CA GLY A 41 5.17 15.87 -17.47
C GLY A 41 4.22 16.30 -18.59
N ALA A 42 4.79 16.82 -19.67
CA ALA A 42 4.02 17.62 -20.63
C ALA A 42 3.13 18.55 -19.82
N LEU A 43 3.72 19.46 -19.05
CA LEU A 43 2.96 20.25 -18.08
C LEU A 43 2.11 21.28 -18.78
N HIS A 44 0.89 21.41 -18.32
CA HIS A 44 0.08 22.46 -18.88
C HIS A 44 -0.43 23.28 -17.77
N GLU A 45 -1.38 24.15 -18.12
CA GLU A 45 -1.87 25.12 -17.22
C GLU A 45 -2.67 24.45 -16.11
N GLY A 46 -3.20 23.28 -16.40
CA GLY A 46 -3.94 22.60 -15.35
C GLY A 46 -3.00 22.15 -14.22
N HIS A 47 -1.84 21.64 -14.62
CA HIS A 47 -0.77 21.33 -13.69
C HIS A 47 -0.29 22.59 -12.93
N LEU A 48 -0.20 23.73 -13.66
CA LEU A 48 0.26 24.98 -13.01
C LEU A 48 -0.76 25.40 -11.95
N ALA A 49 -2.05 25.16 -12.21
CA ALA A 49 -3.09 25.47 -11.24
C ALA A 49 -2.95 24.57 -9.98
N LEU A 50 -2.58 23.30 -10.17
CA LEU A 50 -2.31 22.40 -9.05
C LEU A 50 -1.18 22.99 -8.20
N VAL A 51 -0.08 23.35 -8.85
CA VAL A 51 1.09 23.96 -8.17
C VAL A 51 0.69 25.23 -7.40
N ARG A 52 -0.09 26.09 -8.08
CA ARG A 52 -0.54 27.33 -7.47
C ARG A 52 -1.39 27.08 -6.23
N ALA A 53 -2.24 26.04 -6.28
CA ALA A 53 -3.05 25.69 -5.13
C ALA A 53 -2.18 25.16 -3.95
N ALA A 54 -1.19 24.36 -4.30
CA ALA A 54 -0.26 23.83 -3.31
C ALA A 54 0.58 24.99 -2.73
N LYS A 55 0.96 25.95 -3.57
CA LYS A 55 1.79 27.09 -3.11
C LYS A 55 1.07 27.97 -2.06
N ARG A 56 -0.25 28.00 -2.10
CA ARG A 56 -0.97 28.86 -1.22
C ARG A 56 -1.32 28.22 0.12
N VAL A 57 -0.78 27.02 0.38
CA VAL A 57 -0.84 26.47 1.71
C VAL A 57 0.33 27.06 2.50
N PRO A 58 0.01 27.77 3.62
CA PRO A 58 1.02 28.47 4.44
C PRO A 58 2.22 27.63 4.87
N GLY A 59 3.42 28.09 4.50
CA GLY A 59 4.65 27.41 4.86
C GLY A 59 4.86 26.18 3.98
N SER A 60 4.17 26.11 2.85
CA SER A 60 4.27 24.92 2.03
C SER A 60 5.67 24.84 1.47
N VAL A 61 6.14 23.62 1.28
CA VAL A 61 7.24 23.42 0.31
C VAL A 61 6.63 22.53 -0.79
N VAL A 62 6.82 22.86 -2.06
CA VAL A 62 6.02 22.13 -3.04
C VAL A 62 6.94 21.19 -3.76
N VAL A 63 6.53 19.93 -3.85
CA VAL A 63 7.22 18.90 -4.60
C VAL A 63 6.41 18.54 -5.85
N VAL A 64 7.03 18.62 -7.01
CA VAL A 64 6.35 18.21 -8.22
C VAL A 64 7.04 16.95 -8.67
N SER A 65 6.29 15.90 -8.83
CA SER A 65 6.94 14.70 -9.32
C SER A 65 6.66 14.63 -10.81
N ILE A 66 7.66 14.20 -11.55
CA ILE A 66 7.50 13.92 -12.98
C ILE A 66 7.90 12.43 -13.27
N PHE A 67 6.95 11.60 -13.66
CA PHE A 67 7.25 10.21 -13.92
C PHE A 67 6.15 9.56 -14.71
N VAL A 68 6.53 8.89 -15.80
CA VAL A 68 5.59 8.18 -16.69
C VAL A 68 5.80 6.70 -16.43
N ASN A 69 4.71 6.01 -16.08
CA ASN A 69 4.80 4.57 -15.79
C ASN A 69 5.22 3.76 -17.03
N PRO A 70 6.37 3.01 -16.98
CA PRO A 70 7.00 2.28 -18.12
C PRO A 70 6.08 1.40 -18.99
N PRO A 86 10.64 17.99 -20.88
CA PRO A 86 11.28 18.21 -19.58
C PRO A 86 12.10 19.52 -19.54
N ASP A 87 12.46 20.01 -20.72
CA ASP A 87 13.04 21.34 -20.85
C ASP A 87 11.95 22.38 -20.66
N ASP A 88 10.79 22.11 -21.25
CA ASP A 88 9.62 22.89 -20.95
C ASP A 88 9.39 22.70 -19.45
N ASP A 89 8.86 21.54 -19.06
CA ASP A 89 8.48 21.29 -17.67
C ASP A 89 9.27 22.09 -16.58
N LEU A 90 10.57 21.81 -16.39
CA LEU A 90 11.38 22.44 -15.30
C LEU A 90 11.42 23.97 -15.28
N ALA A 91 11.55 24.54 -16.48
CA ALA A 91 11.39 25.97 -16.76
C ALA A 91 10.18 26.60 -16.03
N GLN A 92 9.01 26.11 -16.40
CA GLN A 92 7.77 26.56 -15.81
C GLN A 92 7.79 26.39 -14.26
N LEU A 93 8.30 25.25 -13.77
CA LEU A 93 8.32 24.98 -12.32
C LEU A 93 9.15 26.04 -11.58
N ARG A 94 10.31 26.34 -12.13
CA ARG A 94 11.20 27.37 -11.60
C ARG A 94 10.50 28.75 -11.64
N ALA A 95 10.02 29.12 -12.83
CA ALA A 95 9.12 30.30 -12.95
C ALA A 95 7.91 30.31 -11.96
N GLU A 96 7.37 29.14 -11.55
CA GLU A 96 6.35 29.15 -10.46
C GLU A 96 6.89 29.16 -9.02
N GLY A 97 8.19 29.14 -8.80
CA GLY A 97 8.68 29.09 -7.39
C GLY A 97 8.56 27.74 -6.67
N VAL A 98 8.45 26.65 -7.41
CA VAL A 98 8.51 25.27 -6.86
C VAL A 98 9.95 25.03 -6.42
N GLU A 99 10.17 24.49 -5.24
CA GLU A 99 11.54 24.24 -4.81
C GLU A 99 12.04 22.84 -4.97
N ILE A 100 11.13 21.89 -5.25
CA ILE A 100 11.55 20.49 -5.47
C ILE A 100 10.88 19.85 -6.71
N ALA A 101 11.73 19.31 -7.61
CA ALA A 101 11.23 18.43 -8.68
C ALA A 101 11.78 17.03 -8.40
N PHE A 102 10.94 16.02 -8.55
CA PHE A 102 11.36 14.68 -8.35
C PHE A 102 11.17 13.90 -9.65
N THR A 103 12.30 13.51 -10.24
CA THR A 103 12.36 12.91 -11.54
C THR A 103 13.03 11.51 -11.48
N PRO A 104 12.32 10.52 -10.90
CA PRO A 104 13.03 9.26 -10.79
C PRO A 104 13.15 8.48 -12.09
N THR A 105 14.14 7.61 -12.13
CA THR A 105 14.29 6.68 -13.26
C THR A 105 13.35 5.50 -13.02
N THR A 106 12.96 4.88 -14.11
CA THR A 106 12.21 3.64 -14.06
C THR A 106 12.97 2.58 -13.23
N ALA A 107 14.27 2.48 -13.46
CA ALA A 107 15.05 1.49 -12.66
C ALA A 107 14.98 1.75 -11.14
N ALA A 108 14.97 3.01 -10.74
CA ALA A 108 14.92 3.36 -9.30
C ALA A 108 13.51 3.13 -8.73
N MET A 109 12.49 3.29 -9.55
CA MET A 109 11.12 2.99 -9.10
C MET A 109 10.80 1.52 -9.12
N TYR A 110 11.34 0.79 -10.11
CA TYR A 110 11.03 -0.65 -10.20
C TYR A 110 12.26 -1.57 -10.31
N PRO A 111 13.11 -1.59 -9.31
CA PRO A 111 14.38 -2.30 -9.37
C PRO A 111 14.07 -3.79 -9.45
N ASP A 112 12.90 -4.20 -8.95
CA ASP A 112 12.51 -5.61 -9.02
C ASP A 112 11.43 -5.95 -10.03
N GLY A 113 11.13 -5.03 -10.96
CA GLY A 113 10.01 -5.21 -11.87
C GLY A 113 8.73 -5.05 -11.07
N LEU A 114 7.62 -5.56 -11.60
CA LEU A 114 6.34 -5.45 -10.93
C LEU A 114 6.34 -6.60 -9.99
N ARG A 115 6.15 -6.35 -8.72
CA ARG A 115 6.12 -7.47 -7.76
C ARG A 115 4.88 -7.26 -6.90
N THR A 116 5.02 -6.60 -5.78
CA THR A 116 3.84 -6.32 -4.90
C THR A 116 3.11 -5.17 -5.59
N THR A 117 1.79 -5.27 -5.73
CA THR A 117 0.99 -4.20 -6.36
C THR A 117 -0.29 -3.90 -5.58
N VAL A 118 -0.86 -2.74 -5.85
CA VAL A 118 -2.19 -2.39 -5.31
C VAL A 118 -3.22 -2.97 -6.25
N GLN A 119 -4.19 -3.65 -5.66
CA GLN A 119 -5.41 -4.14 -6.33
C GLN A 119 -6.58 -3.24 -5.90
N PRO A 120 -7.03 -2.36 -6.81
CA PRO A 120 -8.16 -1.48 -6.46
C PRO A 120 -9.48 -2.22 -6.22
N GLY A 121 -10.45 -1.54 -5.59
CA GLY A 121 -11.81 -2.08 -5.46
C GLY A 121 -12.45 -2.14 -6.89
N PRO A 122 -13.69 -2.62 -6.96
CA PRO A 122 -14.44 -2.88 -8.17
C PRO A 122 -14.70 -1.60 -9.06
N LEU A 123 -14.60 -0.38 -8.52
CA LEU A 123 -14.67 0.85 -9.38
C LEU A 123 -13.63 0.80 -10.46
N ALA A 124 -12.49 0.13 -10.20
CA ALA A 124 -11.43 0.13 -11.25
C ALA A 124 -11.75 -0.72 -12.48
N ALA A 125 -12.77 -1.55 -12.37
CA ALA A 125 -13.22 -2.32 -13.52
C ALA A 125 -14.34 -1.63 -14.32
N GLU A 126 -14.76 -0.46 -13.86
CA GLU A 126 -15.90 0.32 -14.45
C GLU A 126 -15.37 1.42 -15.30
N LEU A 127 -16.22 1.99 -16.18
CA LEU A 127 -15.84 3.18 -16.96
C LEU A 127 -14.52 3.02 -17.74
N GLU A 128 -13.53 3.90 -17.50
CA GLU A 128 -12.20 3.75 -18.13
C GLU A 128 -11.52 2.40 -17.90
N GLY A 129 -11.88 1.72 -16.82
CA GLY A 129 -11.19 0.49 -16.43
C GLY A 129 -11.84 -0.72 -17.13
N GLY A 130 -13.01 -0.55 -17.75
CA GLY A 130 -13.68 -1.70 -18.42
C GLY A 130 -12.82 -2.37 -19.53
N PRO A 131 -12.37 -1.59 -20.52
CA PRO A 131 -11.46 -2.14 -21.52
C PRO A 131 -10.01 -2.23 -21.09
N ARG A 132 -9.66 -1.73 -19.89
CA ARG A 132 -8.24 -1.66 -19.49
C ARG A 132 -8.12 -2.15 -18.05
N PRO A 133 -8.23 -3.46 -17.87
CA PRO A 133 -8.64 -3.94 -16.53
C PRO A 133 -7.52 -3.83 -15.45
N THR A 134 -6.26 -3.66 -15.89
CA THR A 134 -5.11 -3.46 -14.98
C THR A 134 -4.60 -2.01 -14.97
N HIS A 135 -5.27 -1.13 -15.72
CA HIS A 135 -4.85 0.25 -15.77
C HIS A 135 -4.78 0.97 -14.37
N PHE A 136 -5.86 0.91 -13.62
CA PHE A 136 -5.91 1.61 -12.31
C PHE A 136 -5.01 1.00 -11.19
N ALA A 137 -4.84 -0.31 -11.24
CA ALA A 137 -3.85 -1.03 -10.45
C ALA A 137 -2.46 -0.45 -10.66
N GLY A 138 -2.07 -0.27 -11.92
CA GLY A 138 -0.80 0.43 -12.24
C GLY A 138 -0.71 1.85 -11.63
N VAL A 139 -1.76 2.64 -11.82
CA VAL A 139 -1.80 4.02 -11.25
C VAL A 139 -1.73 4.07 -9.72
N LEU A 140 -2.57 3.27 -9.05
CA LEU A 140 -2.61 3.31 -7.62
C LEU A 140 -1.27 2.82 -7.04
N THR A 141 -0.62 1.88 -7.72
CA THR A 141 0.64 1.31 -7.21
C THR A 141 1.68 2.46 -7.24
N VAL A 142 1.75 3.18 -8.37
CA VAL A 142 2.76 4.30 -8.47
C VAL A 142 2.42 5.43 -7.50
N VAL A 143 1.14 5.78 -7.39
CA VAL A 143 0.73 6.88 -6.52
C VAL A 143 1.05 6.48 -5.06
N LEU A 144 0.87 5.20 -4.74
CA LEU A 144 1.18 4.76 -3.37
C LEU A 144 2.67 4.92 -3.16
N LYS A 145 3.44 4.53 -4.18
CA LYS A 145 4.94 4.59 -3.96
C LYS A 145 5.42 6.02 -3.77
N LEU A 146 4.89 6.92 -4.61
CA LEU A 146 5.12 8.37 -4.54
C LEU A 146 4.79 8.94 -3.16
N LEU A 147 3.64 8.55 -2.64
CA LEU A 147 3.21 9.03 -1.31
C LEU A 147 4.15 8.57 -0.20
N GLN A 148 4.70 7.36 -0.35
CA GLN A 148 5.57 6.79 0.65
C GLN A 148 6.90 7.37 0.58
N ILE A 149 7.38 7.74 -0.63
CA ILE A 149 8.71 8.34 -0.80
C ILE A 149 8.71 9.78 -0.25
N VAL A 150 7.67 10.51 -0.57
CA VAL A 150 7.64 11.95 -0.35
C VAL A 150 6.98 12.24 1.02
N ARG A 151 6.04 11.37 1.41
CA ARG A 151 5.21 11.57 2.63
C ARG A 151 4.75 13.02 2.77
N PRO A 152 3.94 13.48 1.79
CA PRO A 152 3.49 14.86 1.87
C PRO A 152 2.33 15.00 2.86
N ASP A 153 2.07 16.21 3.33
CA ASP A 153 0.82 16.50 4.05
C ASP A 153 -0.41 16.51 3.14
N ARG A 154 -0.25 16.99 1.93
CA ARG A 154 -1.39 17.07 1.03
C ARG A 154 -0.88 16.72 -0.35
N VAL A 155 -1.74 16.08 -1.10
CA VAL A 155 -1.41 15.74 -2.49
C VAL A 155 -2.54 16.30 -3.37
N PHE A 156 -2.18 16.82 -4.53
CA PHE A 156 -3.15 17.55 -5.39
C PHE A 156 -3.36 16.85 -6.73
N PHE A 157 -4.62 16.67 -7.10
CA PHE A 157 -5.00 16.10 -8.39
C PHE A 157 -6.08 16.99 -8.99
N GLY A 158 -6.08 17.10 -10.30
CA GLY A 158 -7.16 17.72 -11.01
C GLY A 158 -8.44 16.90 -10.87
N GLU A 159 -9.58 17.53 -11.02
CA GLU A 159 -10.86 16.79 -11.11
C GLU A 159 -11.15 16.17 -12.48
N LYS A 160 -10.35 16.47 -13.48
CA LYS A 160 -10.73 16.07 -14.80
C LYS A 160 -10.73 14.54 -15.00
N ASP A 161 -9.72 13.90 -14.43
N ASP A 161 -9.18 13.70 -14.14
CA ASP A 161 -9.75 12.44 -14.36
CA ASP A 161 -9.68 12.30 -14.29
C ASP A 161 -10.37 12.11 -13.03
C ASP A 161 -10.37 12.04 -12.99
N TYR A 162 -11.70 12.22 -13.00
CA TYR A 162 -12.46 12.09 -11.80
C TYR A 162 -12.44 10.67 -11.25
N GLN A 163 -12.55 9.70 -12.13
CA GLN A 163 -12.47 8.31 -11.67
C GLN A 163 -11.11 8.00 -10.97
N GLN A 164 -10.04 8.41 -11.58
CA GLN A 164 -8.74 8.37 -10.94
C GLN A 164 -8.69 9.01 -9.54
N LEU A 165 -9.22 10.23 -9.43
CA LEU A 165 -9.26 10.97 -8.18
C LEU A 165 -10.04 10.21 -7.13
N VAL A 166 -11.21 9.66 -7.51
CA VAL A 166 -11.96 8.87 -6.56
C VAL A 166 -11.16 7.61 -6.05
N LEU A 167 -10.56 6.90 -6.99
CA LEU A 167 -9.83 5.70 -6.67
C LEU A 167 -8.63 6.09 -5.78
N ILE A 168 -8.06 7.25 -6.03
CA ILE A 168 -7.03 7.74 -5.11
C ILE A 168 -7.53 8.00 -3.66
N ARG A 169 -8.72 8.59 -3.53
CA ARG A 169 -9.29 8.74 -2.22
C ARG A 169 -9.54 7.39 -1.58
N GLN A 170 -9.98 6.39 -2.35
CA GLN A 170 -10.25 5.10 -1.78
C GLN A 170 -8.93 4.48 -1.30
N LEU A 171 -7.90 4.59 -2.11
CA LEU A 171 -6.55 4.22 -1.69
C LEU A 171 -6.14 4.80 -0.37
N VAL A 172 -6.25 6.12 -0.23
CA VAL A 172 -5.82 6.83 0.94
C VAL A 172 -6.66 6.41 2.16
N ALA A 173 -7.97 6.16 1.97
CA ALA A 173 -8.82 5.77 3.15
C ALA A 173 -8.52 4.32 3.55
N ASP A 174 -8.52 3.44 2.53
CA ASP A 174 -8.38 1.98 2.69
C ASP A 174 -7.09 1.51 3.28
N PHE A 175 -6.02 2.24 2.93
CA PHE A 175 -4.71 1.96 3.52
C PHE A 175 -4.26 2.90 4.65
N ASN A 176 -5.17 3.74 5.16
CA ASN A 176 -4.95 4.58 6.33
C ASN A 176 -3.80 5.53 6.12
N LEU A 177 -3.68 6.10 4.89
CA LEU A 177 -2.55 6.96 4.66
C LEU A 177 -2.77 8.33 5.31
N ASP A 178 -1.71 8.89 5.86
CA ASP A 178 -1.89 10.10 6.61
C ASP A 178 -1.58 11.27 5.68
N VAL A 179 -2.43 11.48 4.67
CA VAL A 179 -2.29 12.54 3.67
C VAL A 179 -3.67 13.00 3.32
N ALA A 180 -3.82 14.29 3.08
CA ALA A 180 -5.07 14.88 2.63
C ALA A 180 -5.10 14.92 1.08
N VAL A 181 -6.13 14.35 0.49
CA VAL A 181 -6.23 14.42 -0.97
C VAL A 181 -7.03 15.69 -1.38
N VAL A 182 -6.41 16.60 -2.17
CA VAL A 182 -7.04 17.85 -2.64
C VAL A 182 -7.41 17.73 -4.11
N GLY A 183 -8.72 17.71 -4.41
CA GLY A 183 -9.22 17.79 -5.84
C GLY A 183 -9.30 19.25 -6.28
N VAL A 184 -8.68 19.61 -7.38
CA VAL A 184 -8.75 20.98 -7.88
C VAL A 184 -9.64 21.01 -9.12
N PRO A 185 -10.61 21.95 -9.16
CA PRO A 185 -11.48 22.04 -10.33
C PRO A 185 -10.69 22.25 -11.64
N THR A 186 -11.19 21.55 -12.63
CA THR A 186 -10.54 21.39 -13.93
C THR A 186 -10.38 22.76 -14.64
N VAL A 187 -9.15 23.13 -15.01
CA VAL A 187 -8.88 24.34 -15.80
C VAL A 187 -9.33 24.05 -17.22
N ARG A 188 -9.90 25.07 -17.91
CA ARG A 188 -10.53 24.89 -19.24
C ARG A 188 -10.04 25.93 -20.20
N GLU A 189 -9.91 25.56 -21.49
CA GLU A 189 -9.66 26.56 -22.54
C GLU A 189 -10.87 27.51 -22.55
N ALA A 190 -10.73 28.62 -23.28
CA ALA A 190 -11.72 29.69 -23.23
C ALA A 190 -13.09 29.25 -23.75
N ASP A 191 -13.12 28.22 -24.59
CA ASP A 191 -14.41 27.77 -25.04
C ASP A 191 -15.05 26.67 -24.16
N GLY A 192 -14.37 26.30 -23.06
CA GLY A 192 -14.80 25.22 -22.16
C GLY A 192 -14.03 23.89 -22.29
N LEU A 193 -13.22 23.70 -23.32
CA LEU A 193 -12.48 22.44 -23.46
C LEU A 193 -11.56 22.14 -22.28
N ALA A 194 -11.72 20.98 -21.61
CA ALA A 194 -10.94 20.66 -20.42
C ALA A 194 -9.46 20.54 -20.85
N MET A 195 -8.57 21.17 -20.08
CA MET A 195 -7.14 20.98 -20.28
C MET A 195 -6.75 19.52 -20.25
N SER A 196 -5.90 19.16 -21.20
CA SER A 196 -5.31 17.81 -21.25
C SER A 196 -4.12 17.80 -22.19
N SER A 197 -3.16 16.94 -21.85
CA SER A 197 -1.94 16.68 -22.63
C SER A 197 -2.38 16.25 -24.01
N ARG A 198 -3.51 15.54 -24.05
CA ARG A 198 -3.89 14.92 -25.28
C ARG A 198 -4.60 15.88 -26.26
N ASN A 199 -4.91 17.11 -25.83
CA ASN A 199 -5.47 18.14 -26.72
C ASN A 199 -4.54 18.46 -27.91
N ARG A 200 -3.23 18.31 -27.72
CA ARG A 200 -2.25 18.69 -28.74
C ARG A 200 -2.42 17.77 -29.95
N TYR A 201 -3.05 16.60 -29.73
CA TYR A 201 -3.30 15.60 -30.76
C TYR A 201 -4.53 15.87 -31.66
N LEU A 202 -5.24 16.98 -31.43
CA LEU A 202 -6.47 17.25 -32.20
C LEU A 202 -6.09 18.12 -33.41
N ASP A 203 -6.47 17.70 -34.62
CA ASP A 203 -6.30 18.61 -35.79
C ASP A 203 -7.30 19.76 -35.61
N PRO A 204 -7.22 20.83 -36.45
CA PRO A 204 -8.14 21.95 -36.24
C PRO A 204 -9.62 21.62 -36.30
N ALA A 205 -9.98 20.68 -37.16
CA ALA A 205 -11.37 20.28 -37.29
C ALA A 205 -11.77 19.61 -35.97
N GLN A 206 -10.95 18.64 -35.52
CA GLN A 206 -11.11 17.95 -34.21
C GLN A 206 -11.21 18.88 -33.02
N ARG A 207 -10.34 19.88 -32.98
CA ARG A 207 -10.32 20.81 -31.90
C ARG A 207 -11.60 21.66 -31.87
N ALA A 208 -12.09 22.01 -33.07
CA ALA A 208 -13.40 22.62 -33.23
C ALA A 208 -14.56 21.79 -32.64
N ALA A 209 -14.60 20.50 -32.97
CA ALA A 209 -15.68 19.60 -32.57
C ALA A 209 -15.61 19.27 -31.07
N ALA A 210 -14.39 19.31 -30.54
CA ALA A 210 -14.11 18.87 -29.18
C ALA A 210 -14.84 19.71 -28.11
N VAL A 211 -15.21 20.94 -28.43
CA VAL A 211 -16.00 21.78 -27.57
C VAL A 211 -17.35 21.06 -27.21
N ALA A 212 -17.78 20.11 -28.03
CA ALA A 212 -19.08 19.48 -27.73
C ALA A 212 -19.14 18.79 -26.35
N LEU A 213 -17.99 18.26 -25.88
CA LEU A 213 -18.03 17.49 -24.66
C LEU A 213 -18.49 18.41 -23.53
N SER A 214 -17.74 19.51 -23.36
CA SER A 214 -18.02 20.51 -22.31
C SER A 214 -19.37 21.22 -22.56
N ALA A 215 -19.70 21.55 -23.83
CA ALA A 215 -21.05 22.09 -24.16
C ALA A 215 -22.15 21.10 -23.72
N ALA A 216 -21.92 19.82 -24.01
CA ALA A 216 -22.83 18.80 -23.60
C ALA A 216 -23.01 18.69 -22.06
N LEU A 217 -21.93 18.68 -21.32
CA LEU A 217 -22.00 18.54 -19.89
C LEU A 217 -22.63 19.77 -19.28
N THR A 218 -22.27 20.98 -19.73
N THR A 218 -22.27 20.95 -19.79
CA THR A 218 -22.96 22.14 -19.12
CA THR A 218 -22.84 22.17 -19.26
C THR A 218 -24.43 22.16 -19.54
C THR A 218 -24.34 22.30 -19.61
N ALA A 219 -24.73 21.83 -20.77
CA ALA A 219 -26.18 21.80 -21.15
C ALA A 219 -26.94 20.89 -20.16
N ALA A 220 -26.38 19.69 -19.90
CA ALA A 220 -26.98 18.74 -18.91
C ALA A 220 -27.12 19.35 -17.51
N ALA A 221 -26.12 20.05 -17.04
CA ALA A 221 -26.17 20.58 -15.70
C ALA A 221 -27.30 21.59 -15.54
N HIS A 222 -27.59 22.32 -16.60
CA HIS A 222 -28.74 23.23 -16.56
C HIS A 222 -30.06 22.57 -16.89
N ALA A 223 -30.04 21.57 -17.74
CA ALA A 223 -31.25 20.77 -18.05
C ALA A 223 -31.80 20.05 -16.78
N ALA A 224 -30.91 19.77 -15.82
CA ALA A 224 -31.15 18.81 -14.71
C ALA A 224 -32.26 19.29 -13.72
N THR A 225 -32.67 20.56 -13.80
CA THR A 225 -33.88 21.07 -13.06
C THR A 225 -35.04 20.20 -13.50
N ALA A 226 -34.96 19.69 -14.74
CA ALA A 226 -36.01 18.87 -15.22
C ALA A 226 -35.83 17.35 -14.98
N GLY A 227 -34.83 16.99 -14.20
CA GLY A 227 -34.58 15.55 -13.90
C GLY A 227 -33.36 14.97 -14.61
N ALA A 228 -33.01 13.74 -14.22
CA ALA A 228 -31.80 13.15 -14.71
C ALA A 228 -31.96 12.70 -16.16
N GLN A 229 -33.15 12.28 -16.54
CA GLN A 229 -33.31 11.89 -17.90
C GLN A 229 -33.16 13.08 -18.90
N ALA A 230 -33.82 14.19 -18.63
CA ALA A 230 -33.64 15.40 -19.45
C ALA A 230 -32.19 15.84 -19.50
N ALA A 231 -31.49 15.71 -18.39
CA ALA A 231 -30.08 16.11 -18.35
C ALA A 231 -29.22 15.22 -19.27
N LEU A 232 -29.34 13.89 -19.10
CA LEU A 232 -28.67 12.95 -20.01
C LEU A 232 -29.06 13.16 -21.46
N ASP A 233 -30.35 13.39 -21.69
CA ASP A 233 -30.85 13.58 -23.05
C ASP A 233 -30.30 14.85 -23.72
N ALA A 234 -30.23 15.93 -22.99
CA ALA A 234 -29.65 17.21 -23.50
C ALA A 234 -28.18 16.96 -23.92
N ALA A 235 -27.43 16.31 -23.04
CA ALA A 235 -25.99 16.05 -23.30
C ALA A 235 -25.84 15.19 -24.56
N ARG A 236 -26.69 14.17 -24.69
CA ARG A 236 -26.62 13.29 -25.83
C ARG A 236 -26.91 14.00 -27.13
N ALA A 237 -27.83 14.99 -27.11
CA ALA A 237 -28.24 15.67 -28.35
C ALA A 237 -27.06 16.54 -28.82
N VAL A 238 -26.40 17.14 -27.85
CA VAL A 238 -25.28 18.00 -28.16
C VAL A 238 -24.18 17.13 -28.74
N LEU A 239 -23.89 16.02 -28.11
CA LEU A 239 -22.86 15.01 -28.63
C LEU A 239 -23.22 14.52 -30.02
N ASP A 240 -24.48 14.10 -30.20
CA ASP A 240 -25.04 13.76 -31.54
C ASP A 240 -24.95 14.84 -32.63
N ALA A 241 -24.94 16.13 -32.28
CA ALA A 241 -24.94 17.20 -33.28
C ALA A 241 -23.52 17.51 -33.74
N ALA A 242 -22.56 16.89 -33.06
CA ALA A 242 -21.13 17.16 -33.25
C ALA A 242 -20.53 16.21 -34.25
N PRO A 243 -19.85 16.80 -35.26
CA PRO A 243 -19.05 16.20 -36.33
C PRO A 243 -17.94 15.30 -35.81
N GLY A 244 -18.00 14.03 -36.11
CA GLY A 244 -16.84 13.20 -35.87
C GLY A 244 -16.51 13.02 -34.40
N VAL A 245 -17.49 13.26 -33.52
CA VAL A 245 -17.37 12.91 -32.12
C VAL A 245 -17.97 11.52 -31.90
N ALA A 246 -17.15 10.53 -31.58
CA ALA A 246 -17.72 9.20 -31.28
C ALA A 246 -17.77 8.89 -29.79
N VAL A 247 -18.99 8.76 -29.28
CA VAL A 247 -19.19 8.57 -27.85
C VAL A 247 -18.90 7.16 -27.29
N ASP A 248 -17.86 7.04 -26.47
CA ASP A 248 -17.60 5.82 -25.71
C ASP A 248 -18.69 5.57 -24.67
N TYR A 249 -18.85 6.51 -23.73
CA TYR A 249 -19.83 6.40 -22.65
C TYR A 249 -20.29 7.80 -22.22
N LEU A 250 -21.52 7.87 -21.72
CA LEU A 250 -22.04 9.07 -21.14
C LEU A 250 -22.81 8.60 -19.95
N GLU A 251 -22.35 8.94 -18.75
CA GLU A 251 -22.90 8.34 -17.54
C GLU A 251 -23.05 9.25 -16.41
N LEU A 252 -24.17 9.05 -15.74
CA LEU A 252 -24.48 9.84 -14.61
C LEU A 252 -24.38 8.98 -13.36
N ARG A 253 -23.64 9.43 -12.35
CA ARG A 253 -23.42 8.57 -11.19
C ARG A 253 -23.40 9.39 -9.95
N ASP A 254 -23.44 8.72 -8.82
CA ASP A 254 -23.22 9.36 -7.56
C ASP A 254 -21.77 9.96 -7.49
N ILE A 255 -21.50 10.89 -6.57
CA ILE A 255 -20.19 11.51 -6.55
C ILE A 255 -18.98 10.62 -6.25
N GLY A 256 -19.21 9.53 -5.54
CA GLY A 256 -18.16 8.55 -5.26
C GLY A 256 -18.12 7.52 -6.33
N LEU A 257 -18.96 7.71 -7.36
CA LEU A 257 -19.13 6.80 -8.49
C LEU A 257 -19.74 5.41 -8.18
N GLY A 258 -20.38 5.25 -7.01
CA GLY A 258 -21.12 3.98 -6.70
C GLY A 258 -20.47 3.17 -5.56
N PRO A 259 -21.04 1.97 -5.21
CA PRO A 259 -22.21 1.21 -5.70
C PRO A 259 -23.53 1.65 -5.03
N MET A 260 -23.81 2.95 -5.08
CA MET A 260 -25.11 3.45 -4.62
C MET A 260 -25.86 4.01 -5.84
N PRO A 261 -27.23 3.96 -5.78
CA PRO A 261 -27.96 4.71 -6.83
C PRO A 261 -27.79 6.20 -6.58
N LEU A 262 -28.05 7.03 -7.60
CA LEU A 262 -27.95 8.46 -7.42
C LEU A 262 -29.19 8.92 -6.64
N ASN A 263 -28.97 9.92 -5.80
CA ASN A 263 -30.05 10.73 -5.24
C ASN A 263 -30.20 12.09 -5.97
N GLY A 264 -29.84 13.18 -5.28
CA GLY A 264 -29.94 14.53 -5.88
C GLY A 264 -28.67 15.28 -6.28
N SER A 265 -27.49 14.73 -6.04
CA SER A 265 -26.24 15.39 -6.47
C SER A 265 -25.30 14.32 -6.91
N GLY A 266 -24.65 14.54 -8.05
CA GLY A 266 -23.82 13.50 -8.66
C GLY A 266 -22.79 14.05 -9.64
N ARG A 267 -22.37 13.16 -10.54
CA ARG A 267 -21.35 13.51 -11.49
C ARG A 267 -21.73 12.95 -12.81
N LEU A 268 -21.60 13.76 -13.85
CA LEU A 268 -21.89 13.30 -15.18
C LEU A 268 -20.53 13.18 -15.89
N LEU A 269 -20.28 12.01 -16.44
CA LEU A 269 -18.98 11.69 -17.08
C LEU A 269 -19.18 11.32 -18.50
N VAL A 270 -18.24 11.75 -19.31
CA VAL A 270 -18.29 11.45 -20.75
C VAL A 270 -16.91 11.09 -21.25
N ALA A 271 -16.86 10.16 -22.20
CA ALA A 271 -15.62 9.82 -22.85
C ALA A 271 -15.97 9.61 -24.30
N ALA A 272 -15.20 10.23 -25.15
CA ALA A 272 -15.48 10.25 -26.59
C ALA A 272 -14.19 10.24 -27.45
N ARG A 273 -14.31 9.75 -28.68
CA ARG A 273 -13.18 9.71 -29.60
C ARG A 273 -13.37 10.75 -30.67
N LEU A 274 -12.29 11.46 -30.97
CA LEU A 274 -12.21 12.30 -32.14
C LEU A 274 -11.04 11.81 -33.00
N GLY A 275 -11.31 11.13 -34.11
CA GLY A 275 -10.19 10.42 -34.82
C GLY A 275 -9.62 9.36 -33.89
N THR A 276 -8.32 9.44 -33.61
CA THR A 276 -7.68 8.49 -32.68
C THR A 276 -7.59 8.94 -31.21
N THR A 277 -7.95 10.20 -30.97
CA THR A 277 -7.85 10.86 -29.67
C THR A 277 -9.08 10.70 -28.79
N ARG A 278 -8.82 10.13 -27.63
CA ARG A 278 -9.84 9.87 -26.63
C ARG A 278 -9.85 11.01 -25.65
N LEU A 279 -11.01 11.66 -25.54
CA LEU A 279 -11.19 12.79 -24.61
C LEU A 279 -12.19 12.41 -23.51
N LEU A 280 -11.93 12.87 -22.31
CA LEU A 280 -12.80 12.61 -21.15
C LEU A 280 -13.21 13.99 -20.57
N ASP A 281 -14.37 14.08 -19.95
CA ASP A 281 -14.68 15.26 -19.19
C ASP A 281 -15.74 14.86 -18.20
N ASN A 282 -16.00 15.71 -17.21
CA ASN A 282 -17.09 15.39 -16.24
C ASN A 282 -17.53 16.67 -15.54
N ILE A 283 -18.69 16.66 -14.89
CA ILE A 283 -19.15 17.84 -14.25
C ILE A 283 -20.00 17.39 -13.07
N ALA A 284 -19.94 18.18 -12.00
CA ALA A 284 -20.98 18.15 -10.92
C ALA A 284 -22.36 18.41 -11.53
N ILE A 285 -23.31 17.58 -11.16
CA ILE A 285 -24.71 17.70 -11.58
C ILE A 285 -25.59 17.70 -10.30
N GLU A 286 -26.51 18.65 -10.19
CA GLU A 286 -27.62 18.56 -9.22
C GLU A 286 -28.93 18.25 -9.92
N ILE A 287 -29.64 17.29 -9.37
CA ILE A 287 -30.87 16.81 -9.98
C ILE A 287 -32.08 17.50 -9.31
N GLY A 288 -33.03 17.97 -10.12
CA GLY A 288 -34.26 18.62 -9.61
C GLY A 288 -34.01 19.81 -8.68
N THR A 289 -34.68 19.81 -7.53
CA THR A 289 -34.57 20.87 -6.50
C THR A 289 -33.16 21.38 -6.19
N PHE A 290 -32.18 20.46 -6.11
CA PHE A 290 -30.75 20.80 -5.85
C PHE A 290 -30.13 21.69 -6.95
N ALA A 291 -30.80 21.73 -8.12
CA ALA A 291 -30.37 22.50 -9.31
C ALA A 291 -31.00 23.90 -9.30
N MET B 1 -6.19 19.14 17.18
CA MET B 1 -7.04 18.36 18.15
C MET B 1 -6.17 18.01 19.36
N ALA B 2 -6.81 17.77 20.53
CA ALA B 2 -6.09 17.25 21.68
C ALA B 2 -5.57 15.84 21.36
N ILE B 3 -4.40 15.49 21.91
CA ILE B 3 -3.81 14.14 21.78
C ILE B 3 -4.56 13.33 22.83
N PRO B 4 -4.97 12.12 22.45
CA PRO B 4 -5.70 11.31 23.44
C PRO B 4 -4.78 11.06 24.63
N ALA B 5 -5.36 10.80 25.80
CA ALA B 5 -4.59 10.45 26.99
C ALA B 5 -3.54 9.31 26.74
N PHE B 6 -2.31 9.55 27.20
CA PHE B 6 -1.25 8.56 27.24
C PHE B 6 -0.51 8.72 28.55
N HIS B 7 -0.41 7.62 29.30
CA HIS B 7 0.30 7.57 30.57
C HIS B 7 1.59 6.78 30.42
N PRO B 8 2.73 7.48 30.41
CA PRO B 8 4.02 6.84 30.25
C PRO B 8 4.26 5.86 31.38
N GLY B 9 4.79 4.70 31.03
CA GLY B 9 5.08 3.63 32.01
C GLY B 9 3.89 2.76 32.36
N GLU B 10 2.73 3.00 31.75
CA GLU B 10 1.55 2.16 31.99
C GLU B 10 1.08 1.47 30.70
N LEU B 11 0.28 0.40 30.84
CA LEU B 11 -0.34 -0.19 29.65
C LEU B 11 -1.50 0.67 29.13
N ASN B 12 -1.35 1.39 28.01
CA ASN B 12 -2.47 2.20 27.46
C ASN B 12 -3.14 1.45 26.30
N VAL B 13 -4.45 1.23 26.40
CA VAL B 13 -5.17 0.43 25.43
C VAL B 13 -6.05 1.37 24.56
N TYR B 14 -5.89 1.31 23.23
CA TYR B 14 -6.69 2.06 22.26
C TYR B 14 -7.35 1.14 21.26
N SER B 15 -8.64 1.36 21.02
CA SER B 15 -9.36 0.61 20.01
C SER B 15 -9.48 1.41 18.71
N ALA B 16 -9.35 2.73 18.75
CA ALA B 16 -9.51 3.52 17.55
C ALA B 16 -8.21 3.73 16.78
N PRO B 17 -8.21 3.39 15.51
CA PRO B 17 -7.04 3.67 14.67
C PRO B 17 -6.54 5.12 14.85
N GLY B 18 -7.45 6.11 14.72
CA GLY B 18 -7.13 7.51 14.86
C GLY B 18 -6.38 7.83 16.14
N ASP B 19 -6.78 7.18 17.21
CA ASP B 19 -6.27 7.46 18.50
C ASP B 19 -4.85 6.93 18.60
N VAL B 20 -4.64 5.66 18.19
CA VAL B 20 -3.28 5.14 18.31
C VAL B 20 -2.35 5.92 17.34
N ALA B 21 -2.90 6.37 16.23
CA ALA B 21 -2.13 7.15 15.20
C ALA B 21 -1.60 8.48 15.79
N ASP B 22 -2.51 9.15 16.52
CA ASP B 22 -2.23 10.48 17.16
C ASP B 22 -1.24 10.31 18.27
N VAL B 23 -1.41 9.27 19.12
CA VAL B 23 -0.48 9.00 20.18
C VAL B 23 0.93 8.60 19.73
N SER B 24 1.02 7.71 18.76
CA SER B 24 2.28 7.28 18.27
C SER B 24 3.01 8.52 17.67
N ARG B 25 2.30 9.35 16.92
CA ARG B 25 2.89 10.57 16.30
C ARG B 25 3.39 11.53 17.40
N ALA B 26 2.57 11.78 18.42
CA ALA B 26 3.01 12.56 19.59
C ALA B 26 4.28 11.97 20.24
N LEU B 27 4.37 10.64 20.28
CA LEU B 27 5.53 10.02 20.93
C LEU B 27 6.75 10.17 20.06
N ARG B 28 6.58 9.91 18.77
CA ARG B 28 7.67 10.12 17.78
C ARG B 28 8.26 11.55 17.91
N LEU B 29 7.40 12.52 18.21
CA LEU B 29 7.82 13.93 18.31
C LEU B 29 8.55 14.28 19.60
N THR B 30 8.31 13.52 20.66
CA THR B 30 8.98 13.67 21.95
C THR B 30 10.29 12.89 22.07
N GLY B 31 10.76 12.32 20.97
CA GLY B 31 11.96 11.50 20.99
C GLY B 31 11.84 9.97 20.95
N ARG B 32 10.75 9.38 21.40
CA ARG B 32 10.70 7.90 21.47
C ARG B 32 10.81 7.23 20.10
N ARG B 33 11.38 6.02 20.06
CA ARG B 33 11.43 5.21 18.82
C ARG B 33 10.25 4.22 18.94
N VAL B 34 9.34 4.29 17.99
CA VAL B 34 8.11 3.49 18.05
C VAL B 34 8.37 2.10 17.45
N MET B 35 8.11 1.07 18.26
CA MET B 35 8.35 -0.31 17.81
C MET B 35 6.98 -0.98 17.71
N LEU B 36 6.75 -1.67 16.61
CA LEU B 36 5.46 -2.39 16.42
C LEU B 36 5.59 -3.90 16.44
N VAL B 37 4.75 -4.58 17.24
CA VAL B 37 4.77 -6.01 17.37
C VAL B 37 3.31 -6.47 17.00
N PRO B 38 3.07 -6.88 15.77
CA PRO B 38 1.70 -7.32 15.50
C PRO B 38 1.44 -8.72 16.01
N THR B 39 0.24 -8.94 16.50
CA THR B 39 -0.16 -10.27 16.98
C THR B 39 -1.59 -10.55 16.56
N MET B 40 -1.94 -11.82 16.57
CA MET B 40 -3.27 -12.31 16.20
C MET B 40 -3.64 -13.51 17.12
N GLY B 41 -4.91 -13.78 17.36
CA GLY B 41 -5.28 -14.91 18.28
C GLY B 41 -4.72 -14.67 19.69
N ALA B 42 -4.76 -15.70 20.53
CA ALA B 42 -4.19 -15.70 21.89
C ALA B 42 -2.68 -15.53 21.95
N LEU B 43 -2.20 -14.78 22.94
CA LEU B 43 -0.77 -14.47 23.08
C LEU B 43 0.07 -15.69 23.54
N HIS B 44 1.21 -15.93 22.89
CA HIS B 44 2.13 -17.05 23.25
C HIS B 44 3.58 -16.58 23.48
N GLU B 45 4.51 -17.50 23.74
CA GLU B 45 5.88 -17.13 24.08
C GLU B 45 6.62 -16.55 22.91
N GLY B 46 6.22 -16.93 21.70
CA GLY B 46 6.78 -16.34 20.48
C GLY B 46 6.57 -14.82 20.44
N HIS B 47 5.35 -14.39 20.68
CA HIS B 47 5.03 -12.98 20.75
C HIS B 47 5.81 -12.26 21.87
N LEU B 48 5.90 -12.87 23.05
CA LEU B 48 6.72 -12.27 24.11
C LEU B 48 8.17 -12.07 23.70
N ALA B 49 8.75 -13.05 22.98
CA ALA B 49 10.09 -12.79 22.48
C ALA B 49 10.18 -11.60 21.53
N LEU B 50 9.16 -11.42 20.68
CA LEU B 50 9.09 -10.19 19.78
C LEU B 50 9.06 -8.89 20.63
N VAL B 51 8.21 -8.89 21.64
CA VAL B 51 8.14 -7.84 22.65
C VAL B 51 9.50 -7.53 23.31
N ARG B 52 10.24 -8.58 23.72
CA ARG B 52 11.51 -8.35 24.43
C ARG B 52 12.51 -7.79 23.50
N ALA B 53 12.50 -8.29 22.27
CA ALA B 53 13.42 -7.74 21.27
C ALA B 53 13.15 -6.24 21.04
N ALA B 54 11.89 -5.84 20.95
CA ALA B 54 11.53 -4.44 20.69
C ALA B 54 11.88 -3.56 21.88
N LYS B 55 11.65 -4.08 23.11
CA LYS B 55 11.95 -3.29 24.29
C LYS B 55 13.43 -3.01 24.45
N ARG B 56 14.30 -3.80 23.89
CA ARG B 56 15.66 -3.48 24.17
C ARG B 56 16.25 -2.39 23.28
N VAL B 57 15.53 -1.91 22.27
CA VAL B 57 16.03 -0.77 21.48
C VAL B 57 15.99 0.49 22.39
N PRO B 58 17.14 1.18 22.62
CA PRO B 58 17.03 2.34 23.54
C PRO B 58 15.98 3.40 23.14
N GLY B 59 15.25 3.85 24.14
CA GLY B 59 14.22 4.86 23.99
C GLY B 59 12.98 4.36 23.25
N SER B 60 12.84 3.03 23.19
N SER B 60 12.84 3.03 23.18
CA SER B 60 11.65 2.38 22.58
CA SER B 60 11.65 2.36 22.62
C SER B 60 10.37 2.68 23.31
C SER B 60 10.37 2.77 23.32
N VAL B 61 9.29 2.83 22.55
CA VAL B 61 7.94 2.58 23.08
C VAL B 61 7.38 1.42 22.25
N VAL B 62 6.74 0.45 22.93
CA VAL B 62 6.37 -0.75 22.25
C VAL B 62 4.86 -0.72 21.99
N VAL B 63 4.46 -0.97 20.75
CA VAL B 63 3.05 -1.01 20.41
C VAL B 63 2.74 -2.45 20.07
N VAL B 64 1.74 -3.04 20.74
CA VAL B 64 1.39 -4.38 20.35
C VAL B 64 -0.03 -4.36 19.73
N SER B 65 -0.18 -4.80 18.49
CA SER B 65 -1.52 -4.83 17.95
C SER B 65 -2.08 -6.22 18.19
N ILE B 66 -3.38 -6.27 18.39
CA ILE B 66 -4.05 -7.50 18.77
C ILE B 66 -5.31 -7.53 17.89
N PHE B 67 -5.43 -8.57 17.08
CA PHE B 67 -6.48 -8.55 16.06
C PHE B 67 -7.08 -9.95 15.93
N VAL B 68 -7.41 -10.53 17.11
CA VAL B 68 -8.32 -11.70 17.20
C VAL B 68 -9.36 -11.76 16.06
N THR B 85 -9.78 -14.42 29.00
CA THR B 85 -8.36 -14.24 29.25
C THR B 85 -7.70 -13.21 28.29
N PRO B 86 -8.47 -12.62 27.34
CA PRO B 86 -8.00 -11.38 26.66
C PRO B 86 -7.51 -10.32 27.63
N ASP B 87 -8.13 -10.24 28.81
CA ASP B 87 -7.68 -9.34 29.87
C ASP B 87 -6.36 -9.84 30.48
N ASP B 88 -6.11 -11.14 30.38
CA ASP B 88 -4.85 -11.66 30.88
C ASP B 88 -3.73 -11.58 29.85
N ASP B 89 -4.10 -11.59 28.57
CA ASP B 89 -3.13 -11.21 27.53
C ASP B 89 -2.66 -9.78 27.82
N LEU B 90 -3.60 -8.87 28.01
CA LEU B 90 -3.26 -7.50 28.41
C LEU B 90 -2.45 -7.40 29.71
N ALA B 91 -2.77 -8.25 30.69
CA ALA B 91 -1.95 -8.25 31.91
C ALA B 91 -0.57 -8.80 31.61
N GLN B 92 -0.48 -9.73 30.68
CA GLN B 92 0.84 -10.25 30.31
C GLN B 92 1.66 -9.10 29.67
N LEU B 93 0.99 -8.34 28.79
CA LEU B 93 1.66 -7.26 28.08
C LEU B 93 2.16 -6.19 29.06
N ARG B 94 1.31 -5.84 30.04
CA ARG B 94 1.65 -4.89 31.10
C ARG B 94 2.86 -5.40 31.91
N ALA B 95 2.81 -6.68 32.28
CA ALA B 95 3.94 -7.25 32.99
C ALA B 95 5.23 -7.19 32.14
N GLU B 96 5.11 -7.20 30.81
CA GLU B 96 6.30 -7.06 29.97
C GLU B 96 6.73 -5.63 29.81
N GLY B 97 6.01 -4.68 30.40
CA GLY B 97 6.34 -3.26 30.15
C GLY B 97 5.94 -2.68 28.79
N VAL B 98 4.92 -3.25 28.14
CA VAL B 98 4.42 -2.71 26.88
C VAL B 98 3.59 -1.47 27.19
N GLU B 99 3.80 -0.35 26.48
CA GLU B 99 3.02 0.83 26.84
C GLU B 99 1.80 1.09 25.96
N ILE B 100 1.73 0.43 24.80
CA ILE B 100 0.54 0.53 23.96
C ILE B 100 0.05 -0.82 23.43
N ALA B 101 -1.22 -1.07 23.66
CA ALA B 101 -2.00 -2.07 23.00
C ALA B 101 -3.04 -1.47 22.08
N PHE B 102 -3.01 -1.91 20.82
CA PHE B 102 -3.94 -1.45 19.83
C PHE B 102 -4.92 -2.60 19.53
N THR B 103 -6.20 -2.38 19.83
CA THR B 103 -7.19 -3.42 19.82
C THR B 103 -8.40 -3.03 19.02
N PRO B 104 -8.27 -2.87 17.68
CA PRO B 104 -9.41 -2.33 16.91
C PRO B 104 -10.41 -3.42 16.61
N THR B 105 -11.66 -3.04 16.42
CA THR B 105 -12.64 -4.03 15.89
C THR B 105 -12.43 -4.23 14.42
N THR B 106 -13.00 -5.32 13.85
CA THR B 106 -12.95 -5.52 12.39
C THR B 106 -13.61 -4.30 11.67
N ALA B 107 -14.73 -3.82 12.21
CA ALA B 107 -15.35 -2.62 11.63
C ALA B 107 -14.43 -1.39 11.51
N ALA B 108 -13.65 -1.14 12.56
CA ALA B 108 -12.79 0.04 12.59
C ALA B 108 -11.71 -0.10 11.53
N MET B 109 -11.24 -1.34 11.31
CA MET B 109 -10.15 -1.61 10.36
C MET B 109 -10.69 -1.62 8.93
N TYR B 110 -11.96 -2.00 8.79
CA TYR B 110 -12.60 -2.08 7.50
C TYR B 110 -13.93 -1.27 7.39
N PRO B 111 -13.91 0.06 7.63
CA PRO B 111 -15.20 0.78 7.70
C PRO B 111 -15.91 0.84 6.39
N ASP B 112 -15.17 0.68 5.27
CA ASP B 112 -15.82 0.61 3.94
C ASP B 112 -15.88 -0.78 3.31
N GLY B 113 -15.77 -1.83 4.13
CA GLY B 113 -15.62 -3.19 3.68
C GLY B 113 -14.30 -3.49 2.98
N LEU B 114 -14.24 -4.63 2.28
CA LEU B 114 -13.07 -4.99 1.53
C LEU B 114 -13.08 -4.14 0.25
N ARG B 115 -12.03 -3.38 0.01
CA ARG B 115 -12.03 -2.56 -1.17
C ARG B 115 -10.65 -2.55 -1.86
N THR B 116 -9.85 -1.52 -1.63
CA THR B 116 -8.47 -1.54 -2.07
C THR B 116 -7.71 -2.57 -1.22
N THR B 117 -6.94 -3.44 -1.89
CA THR B 117 -6.17 -4.45 -1.19
C THR B 117 -4.76 -4.53 -1.76
N VAL B 118 -3.88 -5.24 -1.01
CA VAL B 118 -2.57 -5.51 -1.53
C VAL B 118 -2.58 -6.82 -2.31
N GLN B 119 -1.95 -6.81 -3.47
CA GLN B 119 -1.80 -8.02 -4.22
C GLN B 119 -0.32 -8.41 -4.15
N PRO B 120 0.01 -9.47 -3.42
CA PRO B 120 1.43 -9.94 -3.37
C PRO B 120 2.00 -10.31 -4.72
N GLY B 121 3.33 -10.32 -4.82
CA GLY B 121 3.97 -10.92 -6.00
C GLY B 121 3.79 -12.43 -6.00
N PRO B 122 4.40 -13.11 -7.00
CA PRO B 122 4.28 -14.54 -7.34
C PRO B 122 4.71 -15.49 -6.20
N LEU B 123 5.64 -15.03 -5.32
CA LEU B 123 6.01 -15.79 -4.11
C LEU B 123 4.80 -16.21 -3.29
N ALA B 124 3.79 -15.35 -3.18
CA ALA B 124 2.58 -15.74 -2.46
C ALA B 124 1.86 -16.95 -3.06
N ALA B 125 2.13 -17.32 -4.31
CA ALA B 125 1.43 -18.49 -4.86
C ALA B 125 2.14 -19.81 -4.55
N GLU B 126 3.33 -19.69 -4.00
CA GLU B 126 4.15 -20.84 -3.72
C GLU B 126 3.98 -21.34 -2.30
N LEU B 127 4.46 -22.59 -2.11
CA LEU B 127 4.56 -23.15 -0.77
C LEU B 127 3.24 -23.06 -0.02
N GLU B 128 3.16 -22.18 0.99
CA GLU B 128 1.93 -22.07 1.78
C GLU B 128 0.76 -21.58 0.94
N GLY B 129 1.08 -20.83 -0.11
CA GLY B 129 0.05 -20.30 -0.98
C GLY B 129 -0.61 -21.33 -1.88
N GLY B 130 -0.09 -22.57 -1.89
CA GLY B 130 -0.75 -23.72 -2.55
C GLY B 130 -2.07 -24.13 -1.88
N PRO B 131 -2.02 -24.59 -0.59
CA PRO B 131 -3.29 -24.82 0.13
C PRO B 131 -4.09 -23.54 0.45
N ARG B 132 -3.40 -22.39 0.61
CA ARG B 132 -4.08 -21.13 0.96
C ARG B 132 -3.69 -19.97 0.02
N PRO B 133 -4.29 -19.90 -1.20
CA PRO B 133 -3.84 -18.96 -2.29
C PRO B 133 -4.13 -17.43 -2.12
N THR B 134 -5.08 -17.07 -1.26
CA THR B 134 -5.34 -15.68 -1.01
C THR B 134 -4.93 -15.28 0.41
N HIS B 135 -4.30 -16.19 1.16
CA HIS B 135 -4.01 -15.90 2.59
C HIS B 135 -3.02 -14.70 2.71
N PHE B 136 -2.00 -14.67 1.86
CA PHE B 136 -0.98 -13.63 2.05
C PHE B 136 -1.46 -12.24 1.62
N ALA B 137 -2.45 -12.20 0.69
CA ALA B 137 -3.04 -10.91 0.26
C ALA B 137 -3.68 -10.28 1.47
N GLY B 138 -4.39 -11.10 2.26
CA GLY B 138 -5.08 -10.56 3.42
C GLY B 138 -4.01 -10.13 4.44
N VAL B 139 -3.01 -10.98 4.72
CA VAL B 139 -1.96 -10.58 5.66
C VAL B 139 -1.29 -9.24 5.25
N LEU B 140 -0.80 -9.15 4.00
N LEU B 140 -0.80 -9.15 4.01
CA LEU B 140 -0.08 -7.94 3.55
CA LEU B 140 -0.07 -7.93 3.59
C LEU B 140 -0.94 -6.69 3.61
C LEU B 140 -0.95 -6.68 3.63
N THR B 141 -2.24 -6.84 3.34
CA THR B 141 -3.15 -5.73 3.42
C THR B 141 -3.31 -5.22 4.82
N VAL B 142 -3.52 -6.10 5.79
CA VAL B 142 -3.67 -5.65 7.14
C VAL B 142 -2.36 -5.16 7.69
N VAL B 143 -1.25 -5.82 7.39
CA VAL B 143 0.07 -5.30 7.83
C VAL B 143 0.32 -3.86 7.30
N LEU B 144 0.09 -3.65 6.00
CA LEU B 144 0.26 -2.29 5.44
C LEU B 144 -0.56 -1.28 6.23
N LYS B 145 -1.80 -1.62 6.53
CA LYS B 145 -2.67 -0.71 7.31
C LYS B 145 -2.14 -0.40 8.71
N LEU B 146 -1.73 -1.47 9.42
CA LEU B 146 -1.10 -1.34 10.72
C LEU B 146 0.13 -0.45 10.60
N LEU B 147 0.94 -0.70 9.57
CA LEU B 147 2.13 0.16 9.35
C LEU B 147 1.79 1.66 9.15
N GLN B 148 0.72 1.92 8.45
CA GLN B 148 0.33 3.32 8.21
C GLN B 148 -0.36 3.99 9.40
N ILE B 149 -1.07 3.20 10.20
CA ILE B 149 -1.73 3.72 11.43
C ILE B 149 -0.64 4.09 12.44
N VAL B 150 0.24 3.17 12.71
CA VAL B 150 1.24 3.33 13.78
C VAL B 150 2.49 4.08 13.40
N ARG B 151 2.88 3.99 12.12
CA ARG B 151 4.17 4.46 11.66
C ARG B 151 5.35 4.17 12.57
N PRO B 152 5.67 2.88 12.72
CA PRO B 152 6.76 2.54 13.64
C PRO B 152 8.06 2.72 12.95
N ASP B 153 9.08 2.91 13.76
CA ASP B 153 10.41 2.84 13.24
C ASP B 153 10.81 1.42 12.84
N ARG B 154 10.42 0.44 13.67
CA ARG B 154 10.71 -0.95 13.39
C ARG B 154 9.45 -1.83 13.61
N VAL B 155 9.33 -2.87 12.81
CA VAL B 155 8.21 -3.81 12.97
C VAL B 155 8.75 -5.23 13.16
N PHE B 156 8.18 -5.98 14.10
CA PHE B 156 8.89 -7.22 14.49
C PHE B 156 8.03 -8.46 14.16
N PHE B 157 8.60 -9.44 13.47
CA PHE B 157 7.91 -10.70 13.11
C PHE B 157 8.82 -11.89 13.48
N GLY B 158 8.23 -13.03 13.84
CA GLY B 158 9.00 -14.25 13.98
C GLY B 158 9.47 -14.74 12.62
N GLU B 159 10.55 -15.49 12.65
CA GLU B 159 11.04 -16.18 11.49
C GLU B 159 10.25 -17.49 11.29
N LYS B 160 9.40 -17.86 12.24
CA LYS B 160 8.67 -19.15 12.07
C LYS B 160 7.89 -19.20 10.79
N ASP B 161 7.07 -18.18 10.52
CA ASP B 161 6.44 -18.08 9.22
C ASP B 161 7.32 -17.27 8.28
N TYR B 162 8.34 -17.96 7.78
CA TYR B 162 9.39 -17.29 7.05
C TYR B 162 8.89 -16.71 5.70
N GLN B 163 7.94 -17.43 5.07
CA GLN B 163 7.38 -16.97 3.79
C GLN B 163 6.61 -15.64 3.98
N GLN B 164 5.85 -15.55 5.06
CA GLN B 164 5.19 -14.36 5.45
C GLN B 164 6.22 -13.28 5.75
N LEU B 165 7.31 -13.60 6.44
CA LEU B 165 8.30 -12.57 6.77
C LEU B 165 8.88 -11.99 5.44
N VAL B 166 9.27 -12.87 4.52
CA VAL B 166 9.83 -12.50 3.21
C VAL B 166 8.84 -11.60 2.41
N LEU B 167 7.57 -11.99 2.39
CA LEU B 167 6.57 -11.21 1.74
C LEU B 167 6.41 -9.82 2.33
N ILE B 168 6.48 -9.66 3.63
N ILE B 168 6.48 -9.73 3.65
CA ILE B 168 6.42 -8.28 4.08
CA ILE B 168 6.47 -8.43 4.30
C ILE B 168 7.71 -7.49 3.84
C ILE B 168 7.68 -7.56 3.89
N ARG B 169 8.87 -8.17 3.82
CA ARG B 169 10.06 -7.43 3.36
CA ARG B 169 10.08 -7.47 3.34
C ARG B 169 9.84 -6.97 1.90
N GLN B 170 9.19 -7.80 1.07
CA GLN B 170 8.88 -7.40 -0.32
C GLN B 170 7.87 -6.28 -0.34
N LEU B 171 6.85 -6.35 0.48
CA LEU B 171 5.91 -5.24 0.60
C LEU B 171 6.64 -3.91 0.89
N VAL B 172 7.47 -3.92 1.92
CA VAL B 172 8.25 -2.74 2.44
C VAL B 172 9.11 -2.15 1.31
N ALA B 173 9.83 -3.03 0.66
CA ALA B 173 10.71 -2.58 -0.45
C ALA B 173 9.88 -2.01 -1.64
N ASP B 174 8.88 -2.75 -2.06
CA ASP B 174 8.15 -2.41 -3.26
C ASP B 174 7.31 -1.21 -3.09
N PHE B 175 6.85 -0.94 -1.86
CA PHE B 175 6.01 0.25 -1.72
C PHE B 175 6.82 1.34 -1.04
N ASN B 176 8.14 1.15 -0.90
CA ASN B 176 9.04 2.24 -0.43
C ASN B 176 8.69 2.67 0.99
N LEU B 177 8.23 1.68 1.79
CA LEU B 177 7.82 2.04 3.20
C LEU B 177 9.09 2.39 4.04
N ASP B 178 9.05 3.41 4.91
N ASP B 178 9.03 3.45 4.82
CA ASP B 178 10.26 3.84 5.70
CA ASP B 178 10.16 3.78 5.66
C ASP B 178 10.76 2.96 6.95
C ASP B 178 9.98 3.13 7.05
N VAL B 179 10.17 1.82 7.11
CA VAL B 179 10.14 1.05 8.36
C VAL B 179 11.16 -0.05 8.24
N ALA B 180 11.86 -0.37 9.35
CA ALA B 180 12.77 -1.56 9.35
C ALA B 180 12.01 -2.81 9.75
N VAL B 181 12.06 -3.85 8.92
CA VAL B 181 11.53 -5.17 9.28
C VAL B 181 12.55 -6.00 10.06
N VAL B 182 12.17 -6.41 11.27
CA VAL B 182 13.10 -7.19 12.11
C VAL B 182 12.52 -8.60 12.24
N GLY B 183 13.26 -9.60 11.77
CA GLY B 183 12.84 -11.02 11.96
C GLY B 183 13.54 -11.62 13.19
N VAL B 184 12.77 -12.22 14.06
CA VAL B 184 13.30 -12.65 15.35
C VAL B 184 13.41 -14.18 15.29
N PRO B 185 14.62 -14.73 15.56
CA PRO B 185 14.71 -16.23 15.54
C PRO B 185 13.56 -16.93 16.35
N THR B 186 13.08 -18.03 15.81
CA THR B 186 11.90 -18.75 16.29
C THR B 186 12.14 -19.35 17.71
N VAL B 187 11.26 -19.02 18.65
CA VAL B 187 11.28 -19.62 19.96
C VAL B 187 10.79 -21.07 19.81
N ARG B 188 11.47 -21.99 20.50
CA ARG B 188 11.14 -23.43 20.41
C ARG B 188 10.87 -24.04 21.80
N GLU B 189 10.08 -25.10 21.84
CA GLU B 189 9.97 -25.91 23.02
C GLU B 189 11.33 -26.56 23.30
N ALA B 190 11.46 -27.18 24.46
CA ALA B 190 12.75 -27.73 24.84
C ALA B 190 13.23 -28.83 23.81
N ASP B 191 12.32 -29.59 23.21
CA ASP B 191 12.80 -30.59 22.19
C ASP B 191 12.93 -30.06 20.78
N GLY B 192 12.71 -28.74 20.61
CA GLY B 192 12.92 -28.18 19.26
C GLY B 192 11.63 -27.77 18.55
N LEU B 193 10.47 -28.28 18.99
CA LEU B 193 9.26 -27.94 18.24
C LEU B 193 9.03 -26.38 18.20
N ALA B 194 8.86 -25.84 16.99
CA ALA B 194 8.68 -24.42 16.80
C ALA B 194 7.37 -24.00 17.46
N MET B 195 7.46 -22.91 18.22
CA MET B 195 6.20 -22.39 18.85
C MET B 195 5.09 -22.10 17.84
N SER B 196 3.85 -22.42 18.22
CA SER B 196 2.67 -22.16 17.37
C SER B 196 1.44 -22.47 18.21
N SER B 197 0.37 -21.74 17.94
CA SER B 197 -0.81 -21.91 18.76
C SER B 197 -1.38 -23.27 18.43
N ARG B 198 -1.04 -23.81 17.25
CA ARG B 198 -1.55 -25.15 16.87
C ARG B 198 -1.01 -26.28 17.74
N ASN B 199 0.14 -26.11 18.37
CA ASN B 199 0.77 -27.19 19.15
C ASN B 199 -0.18 -27.73 20.25
N ARG B 200 -1.07 -26.88 20.76
CA ARG B 200 -1.98 -27.31 21.83
C ARG B 200 -2.98 -28.41 21.39
N TYR B 201 -3.30 -28.46 20.12
CA TYR B 201 -4.25 -29.49 19.61
C TYR B 201 -3.64 -30.87 19.39
N LEU B 202 -2.31 -31.01 19.53
CA LEU B 202 -1.67 -32.28 19.17
C LEU B 202 -1.86 -33.28 20.28
N ASP B 203 -2.38 -34.48 19.98
CA ASP B 203 -2.38 -35.54 21.01
C ASP B 203 -0.98 -36.04 21.32
N PRO B 204 -0.85 -36.98 22.25
CA PRO B 204 0.55 -37.25 22.57
C PRO B 204 1.37 -37.94 21.46
N ALA B 205 0.72 -38.75 20.60
CA ALA B 205 1.41 -39.48 19.53
C ALA B 205 1.81 -38.41 18.49
N GLN B 206 0.87 -37.49 18.17
CA GLN B 206 1.10 -36.37 17.26
C GLN B 206 2.22 -35.43 17.78
N ARG B 207 2.21 -35.20 19.10
CA ARG B 207 3.23 -34.30 19.70
C ARG B 207 4.59 -34.92 19.67
N ALA B 208 4.65 -36.21 19.97
CA ALA B 208 5.93 -36.91 19.84
C ALA B 208 6.45 -36.94 18.37
N ALA B 209 5.54 -37.14 17.40
CA ALA B 209 5.97 -37.20 16.00
C ALA B 209 6.40 -35.81 15.46
N ALA B 210 5.81 -34.74 15.97
CA ALA B 210 5.97 -33.39 15.42
C ALA B 210 7.43 -32.94 15.61
N VAL B 211 8.13 -33.51 16.58
N VAL B 211 8.14 -33.50 16.59
CA VAL B 211 9.58 -33.25 16.81
CA VAL B 211 9.59 -33.25 16.79
C VAL B 211 10.43 -33.51 15.57
C VAL B 211 10.38 -33.45 15.51
N ALA B 212 9.95 -34.39 14.68
CA ALA B 212 10.67 -34.73 13.46
C ALA B 212 10.87 -33.52 12.54
N LEU B 213 9.99 -32.49 12.56
CA LEU B 213 10.18 -31.36 11.64
C LEU B 213 11.49 -30.59 11.99
N SER B 214 11.58 -30.21 13.25
CA SER B 214 12.76 -29.52 13.68
C SER B 214 13.98 -30.43 13.68
N ALA B 215 13.84 -31.67 14.12
CA ALA B 215 15.01 -32.63 14.08
C ALA B 215 15.57 -32.74 12.63
N ALA B 216 14.66 -32.85 11.65
CA ALA B 216 15.06 -32.94 10.21
C ALA B 216 15.80 -31.75 9.72
N LEU B 217 15.30 -30.57 10.09
CA LEU B 217 15.90 -29.30 9.69
C LEU B 217 17.26 -29.08 10.29
N THR B 218 17.42 -29.39 11.56
CA THR B 218 18.73 -29.16 12.24
CA THR B 218 18.72 -29.15 12.23
C THR B 218 19.72 -30.20 11.75
N ALA B 219 19.24 -31.43 11.52
CA ALA B 219 20.10 -32.43 10.86
C ALA B 219 20.63 -31.91 9.51
N ALA B 220 19.69 -31.43 8.66
CA ALA B 220 20.05 -30.90 7.33
C ALA B 220 21.07 -29.77 7.46
N ALA B 221 20.88 -28.86 8.44
CA ALA B 221 21.79 -27.72 8.59
C ALA B 221 23.23 -28.14 8.92
N HIS B 222 23.36 -29.17 9.74
CA HIS B 222 24.70 -29.77 10.00
C HIS B 222 25.23 -30.67 8.90
N ALA B 223 24.33 -31.38 8.20
CA ALA B 223 24.74 -32.25 7.12
C ALA B 223 25.21 -31.41 5.96
N ALA B 224 24.84 -30.11 5.93
CA ALA B 224 25.11 -29.19 4.79
C ALA B 224 26.61 -28.98 4.46
N THR B 225 27.52 -29.39 5.34
CA THR B 225 28.95 -29.29 4.98
C THR B 225 29.25 -30.27 3.88
N ALA B 226 28.39 -31.28 3.74
CA ALA B 226 28.56 -32.25 2.71
C ALA B 226 27.75 -31.92 1.42
N GLY B 227 27.16 -30.72 1.41
CA GLY B 227 26.46 -30.19 0.25
C GLY B 227 24.92 -30.30 0.30
N ALA B 228 24.29 -29.76 -0.73
CA ALA B 228 22.83 -29.55 -0.71
C ALA B 228 22.01 -30.84 -0.75
N GLN B 229 22.44 -31.76 -1.58
CA GLN B 229 21.72 -33.04 -1.67
C GLN B 229 21.84 -33.84 -0.34
N ALA B 230 23.06 -33.85 0.23
CA ALA B 230 23.26 -34.49 1.55
C ALA B 230 22.31 -33.84 2.61
N ALA B 231 22.18 -32.49 2.57
CA ALA B 231 21.32 -31.79 3.56
C ALA B 231 19.85 -32.24 3.39
N LEU B 232 19.38 -32.18 2.15
CA LEU B 232 17.99 -32.63 1.77
C LEU B 232 17.72 -34.09 2.08
N ASP B 233 18.66 -34.97 1.73
CA ASP B 233 18.46 -36.37 2.01
C ASP B 233 18.46 -36.63 3.52
N ALA B 234 19.29 -35.93 4.31
CA ALA B 234 19.24 -36.06 5.79
C ALA B 234 17.85 -35.66 6.39
N ALA B 235 17.33 -34.50 5.98
CA ALA B 235 15.99 -34.04 6.35
C ALA B 235 14.89 -35.09 6.05
N ARG B 236 14.97 -35.57 4.85
CA ARG B 236 13.97 -36.56 4.37
C ARG B 236 14.04 -37.87 5.10
N ALA B 237 15.26 -38.33 5.43
CA ALA B 237 15.38 -39.52 6.28
C ALA B 237 14.74 -39.35 7.64
N VAL B 238 14.98 -38.19 8.30
CA VAL B 238 14.35 -37.93 9.58
C VAL B 238 12.81 -37.89 9.50
N LEU B 239 12.27 -37.17 8.51
CA LEU B 239 10.80 -37.15 8.23
C LEU B 239 10.25 -38.59 7.94
N ASP B 240 11.03 -39.39 7.16
CA ASP B 240 10.69 -40.80 6.86
C ASP B 240 10.64 -41.73 8.10
N ALA B 241 11.34 -41.41 9.19
CA ALA B 241 11.36 -42.20 10.43
C ALA B 241 10.17 -41.91 11.33
N ALA B 242 9.36 -40.90 10.99
CA ALA B 242 8.17 -40.53 11.80
C ALA B 242 6.86 -41.11 11.24
N PRO B 243 6.04 -41.70 12.15
CA PRO B 243 4.67 -42.12 11.68
C PRO B 243 3.70 -40.91 11.64
N GLY B 244 2.72 -40.98 10.76
CA GLY B 244 1.61 -40.02 10.72
C GLY B 244 2.06 -38.59 10.42
N VAL B 245 3.15 -38.40 9.65
CA VAL B 245 3.64 -37.08 9.29
C VAL B 245 3.60 -36.99 7.80
N ALA B 246 2.54 -36.38 7.26
CA ALA B 246 2.31 -36.26 5.83
C ALA B 246 3.01 -34.99 5.34
N VAL B 247 4.18 -35.15 4.71
CA VAL B 247 4.95 -34.02 4.29
C VAL B 247 4.32 -33.38 3.04
N ASP B 248 3.95 -32.12 3.16
CA ASP B 248 3.43 -31.42 2.00
C ASP B 248 4.58 -30.88 1.14
N TYR B 249 5.61 -30.31 1.77
CA TYR B 249 6.78 -29.92 0.96
C TYR B 249 8.02 -29.92 1.85
N LEU B 250 9.18 -29.97 1.23
CA LEU B 250 10.49 -29.90 1.86
C LEU B 250 11.37 -29.22 0.83
N GLU B 251 11.65 -27.95 1.03
N GLU B 251 11.64 -27.94 1.04
CA GLU B 251 12.31 -27.15 -0.04
CA GLU B 251 12.25 -27.08 -0.01
C GLU B 251 13.44 -26.31 0.46
C GLU B 251 13.45 -26.29 0.48
N LEU B 252 14.53 -26.31 -0.28
CA LEU B 252 15.71 -25.52 0.00
C LEU B 252 15.71 -24.34 -1.02
N ARG B 253 15.72 -23.12 -0.50
N ARG B 253 15.72 -23.12 -0.50
CA ARG B 253 15.61 -21.96 -1.35
CA ARG B 253 15.65 -21.95 -1.36
C ARG B 253 16.73 -20.99 -0.96
C ARG B 253 16.69 -20.94 -0.91
N ASP B 254 16.93 -19.91 -1.71
CA ASP B 254 17.79 -18.83 -1.19
C ASP B 254 17.04 -18.08 -0.07
N ILE B 255 17.75 -17.17 0.56
CA ILE B 255 17.22 -16.55 1.73
C ILE B 255 16.05 -15.67 1.37
N GLY B 256 15.96 -15.26 0.09
CA GLY B 256 14.78 -14.47 -0.38
C GLY B 256 13.66 -15.37 -0.90
N LEU B 257 13.88 -16.70 -0.86
CA LEU B 257 12.88 -17.70 -1.29
C LEU B 257 12.83 -17.93 -2.82
N GLY B 258 13.85 -17.38 -3.48
CA GLY B 258 14.14 -17.68 -4.86
C GLY B 258 14.92 -18.99 -4.94
N PRO B 259 15.33 -19.39 -6.16
CA PRO B 259 16.10 -20.63 -6.27
C PRO B 259 17.43 -20.62 -5.47
N MET B 260 17.79 -21.80 -4.96
CA MET B 260 18.96 -21.93 -4.11
C MET B 260 20.16 -21.80 -5.01
N PRO B 261 21.11 -20.91 -4.65
CA PRO B 261 22.33 -20.84 -5.48
C PRO B 261 23.20 -22.09 -5.24
N LEU B 262 24.15 -22.36 -6.13
CA LEU B 262 25.02 -23.54 -6.00
C LEU B 262 25.62 -23.77 -4.61
N ASN B 263 26.15 -22.70 -4.04
CA ASN B 263 26.52 -22.66 -2.62
C ASN B 263 26.22 -21.28 -2.09
N GLY B 264 26.17 -21.13 -0.78
CA GLY B 264 25.93 -19.82 -0.16
C GLY B 264 24.85 -20.04 0.87
N SER B 265 24.16 -18.96 1.20
CA SER B 265 23.19 -18.98 2.26
C SER B 265 21.88 -19.34 1.66
N GLY B 266 21.07 -20.00 2.47
CA GLY B 266 19.76 -20.49 2.04
C GLY B 266 18.86 -20.70 3.22
N ARG B 267 17.69 -21.26 2.91
CA ARG B 267 16.72 -21.54 3.93
C ARG B 267 16.08 -22.82 3.53
N LEU B 268 15.88 -23.73 4.49
CA LEU B 268 15.18 -24.99 4.22
C LEU B 268 13.84 -24.93 4.88
N LEU B 269 12.78 -25.22 4.11
CA LEU B 269 11.40 -25.04 4.62
C LEU B 269 10.64 -26.37 4.55
N VAL B 270 9.83 -26.67 5.57
CA VAL B 270 9.02 -27.87 5.58
C VAL B 270 7.62 -27.55 6.07
N ALA B 271 6.64 -28.23 5.50
CA ALA B 271 5.29 -28.21 5.95
C ALA B 271 4.77 -29.68 5.94
N ALA B 272 4.02 -30.03 6.98
CA ALA B 272 3.47 -31.38 7.12
C ALA B 272 2.12 -31.40 7.85
N ARG B 273 1.28 -32.38 7.54
CA ARG B 273 -0.01 -32.61 8.26
C ARG B 273 0.13 -33.76 9.20
N LEU B 274 -0.23 -33.54 10.46
CA LEU B 274 -0.28 -34.56 11.50
C LEU B 274 -1.77 -34.64 11.91
N GLY B 275 -2.47 -35.66 11.47
CA GLY B 275 -3.93 -35.69 11.70
C GLY B 275 -4.54 -34.53 10.95
N THR B 276 -5.17 -33.63 11.68
CA THR B 276 -5.79 -32.47 11.07
C THR B 276 -5.01 -31.18 11.32
N THR B 277 -3.83 -31.29 11.89
CA THR B 277 -3.06 -30.09 12.20
C THR B 277 -1.88 -29.92 11.18
N ARG B 278 -1.75 -28.75 10.58
CA ARG B 278 -0.66 -28.41 9.66
C ARG B 278 0.45 -27.68 10.46
N LEU B 279 1.64 -28.25 10.39
CA LEU B 279 2.80 -27.69 11.11
C LEU B 279 3.81 -27.22 10.09
N LEU B 280 4.60 -26.18 10.41
CA LEU B 280 5.55 -25.63 9.47
C LEU B 280 6.79 -25.36 10.29
N ASP B 281 7.95 -25.41 9.63
CA ASP B 281 9.18 -25.02 10.29
C ASP B 281 10.14 -24.63 9.22
N ASN B 282 11.26 -23.92 9.59
CA ASN B 282 12.25 -23.62 8.55
C ASN B 282 13.55 -23.31 9.28
N ILE B 283 14.66 -23.28 8.56
CA ILE B 283 16.00 -23.02 9.19
C ILE B 283 16.98 -22.43 8.21
N ALA B 284 17.88 -21.62 8.74
CA ALA B 284 19.07 -21.18 7.97
C ALA B 284 19.92 -22.36 7.56
N ILE B 285 20.37 -22.34 6.29
CA ILE B 285 21.26 -23.34 5.70
C ILE B 285 22.45 -22.61 5.04
N GLU B 286 23.68 -23.14 5.22
CA GLU B 286 24.88 -22.59 4.60
C GLU B 286 25.46 -23.78 3.79
N ILE B 287 25.57 -23.64 2.47
CA ILE B 287 26.03 -24.81 1.69
C ILE B 287 27.56 -25.01 1.58
N GLY B 288 28.01 -26.17 2.09
CA GLY B 288 29.40 -26.55 2.17
C GLY B 288 30.18 -25.74 3.19
#